data_2N4N
#
_entry.id   2N4N
#
_entity_poly.entity_id   1
_entity_poly.type   'polypeptide(L)'
_entity_poly.pdbx_seq_one_letter_code
;(ACE)ERFYEK(4G6)(DPR)VQKFIRV(4FU)GVTIREK(NH2)
;
_entity_poly.pdbx_strand_id   A
#
loop_
_chem_comp.id
_chem_comp.type
_chem_comp.name
_chem_comp.formula
4FU non-polymer '(1R,2S)-cyclohexane-1,2-dicarboxylic acid' 'C8 H12 O4'
4G6 non-polymer 2-methylpropane-1,2-diamine 'C4 H12 N2'
ACE non-polymer 'ACETYL GROUP' 'C2 H4 O'
NH2 non-polymer 'AMINO GROUP' 'H2 N'
#
# COMPACT_ATOMS: atom_id res chain seq x y z
C ACE A 1 -4.97 6.35 -5.58
O ACE A 1 -4.94 7.35 -6.31
CH3 ACE A 1 -6.15 5.38 -5.63
H1 ACE A 1 -5.78 4.38 -5.76
H2 ACE A 1 -6.80 5.65 -6.45
H3 ACE A 1 -6.70 5.44 -4.70
N GLU A 2 -4.00 6.07 -4.70
CA GLU A 2 -2.83 6.91 -4.57
C GLU A 2 -1.68 6.14 -3.93
N ARG A 3 -0.76 6.87 -3.29
CA ARG A 3 0.41 6.25 -2.64
C ARG A 3 0.24 6.29 -1.12
N PHE A 4 0.78 5.28 -0.44
CA PHE A 4 0.67 5.21 1.02
C PHE A 4 1.90 4.55 1.64
N TYR A 5 2.59 5.26 2.53
CA TYR A 5 3.79 4.74 3.20
C TYR A 5 3.74 4.91 4.71
N GLU A 6 3.52 3.81 5.41
CA GLU A 6 3.50 3.81 6.88
C GLU A 6 4.14 2.53 7.40
N LYS A 7 4.76 2.61 8.58
CA LYS A 7 5.42 1.44 9.18
C LYS A 7 4.85 1.15 10.56
CAA 4G6 A 8 6.75 -0.84 13.46
CAF 4G6 A 8 5.41 -1.45 13.07
CAB 4G6 A 8 4.69 -1.91 14.34
NAD 4G6 A 8 5.61 -2.60 12.17
CAE 4G6 A 8 4.56 -0.37 12.39
N 4G6 A 8 5.08 -0.03 11.07
HAC 4G6 A 8 7.46 -0.98 12.65
HAB 4G6 A 8 6.63 0.22 13.65
HAA 4G6 A 8 7.13 -1.33 14.35
HAF 4G6 A 8 3.74 -2.36 14.08
HAD 4G6 A 8 4.51 -1.04 14.99
HAE 4G6 A 8 5.31 -2.64 14.87
HAL 4G6 A 8 6.51 -3.05 12.17
HAH 4G6 A 8 4.55 0.52 13.02
HAG 4G6 A 8 3.54 -0.73 12.30
H 4G6 A 8 5.61 -0.70 10.55
N DPR A 9 5.25 -3.95 9.11
CA DPR A 9 5.03 -4.29 10.55
CB DPR A 9 3.86 -5.29 10.50
CG DPR A 9 3.96 -5.96 9.16
CD DPR A 9 4.69 -4.98 8.21
C DPR A 9 4.66 -3.08 11.41
O DPR A 9 3.53 -2.61 11.37
HA DPR A 9 5.90 -4.78 10.95
HB2 DPR A 9 3.97 -6.02 11.30
HB3 DPR A 9 2.91 -4.77 10.60
HG2 DPR A 9 4.53 -6.88 9.24
HG3 DPR A 9 2.97 -6.17 8.78
HD2 DPR A 9 5.47 -5.48 7.68
HD3 DPR A 9 3.99 -4.52 7.53
N VAL A 10 4.96 -1.78 6.74
CA VAL A 10 6.07 -2.57 7.25
C VAL A 10 5.88 -2.86 8.76
N GLN A 11 2.66 -1.51 4.00
CA GLN A 11 2.94 -1.37 5.43
C GLN A 11 4.08 -2.28 5.87
N LYS A 12 1.39 0.13 1.02
CA LYS A 12 2.25 -0.83 1.71
C LYS A 12 2.63 -0.45 3.15
N PHE A 13 -0.03 0.67 -2.23
CA PHE A 13 -0.04 0.87 -0.79
C PHE A 13 0.82 -0.20 -0.12
N ILE A 14 -1.00 1.53 -5.12
CA ILE A 14 0.31 1.19 -4.57
C ILE A 14 0.40 1.60 -3.10
N ARG A 15 -3.05 1.57 -8.01
CA ARG A 15 -2.92 1.35 -6.57
C ARG A 15 -1.52 0.89 -6.17
N VAL A 16 -5.47 1.71 -10.68
CA VAL A 16 -4.20 2.15 -10.08
C VAL A 16 -4.20 1.96 -8.56
C7 4FU A 17 -6.64 -1.37 -11.49
C8 4FU A 17 -6.90 -0.59 -12.78
C9 4FU A 17 -5.85 -0.92 -13.82
C11 4FU A 17 -6.16 -0.15 -15.10
C12 4FU A 17 -6.18 1.34 -14.84
C13 4FU A 17 -7.20 1.67 -13.76
C14 4FU A 17 -6.89 0.90 -12.48
C 4FU A 17 -5.53 1.32 -11.93
O 4FU A 17 -4.54 1.28 -12.65
O1 4FU A 17 -5.76 -1.01 -10.71
H8 4FU A 17 -7.89 -0.88 -13.17
H9 4FU A 17 -4.87 -0.63 -13.44
HAI 4FU A 17 -5.87 -1.98 -14.03
H112 4FU A 17 -7.13 -0.47 -15.49
H111 4FU A 17 -5.40 -0.38 -15.84
HAG 4FU A 17 -5.19 1.67 -14.51
H12 4FU A 17 -6.44 1.85 -15.75
HAL 4FU A 17 -8.20 1.37 -14.12
HAK 4FU A 17 -7.19 2.73 -13.55
H14 4FU A 17 -7.67 1.12 -11.74
N GLY A 18 -7.39 -2.40 -11.25
CA GLY A 18 -7.23 -3.19 -10.04
C GLY A 18 -7.59 -2.34 -8.82
N VAL A 19 -8.30 -2.93 -7.88
CA VAL A 19 -8.71 -2.21 -6.68
C VAL A 19 -7.50 -1.72 -5.91
N THR A 20 -7.50 -1.93 -4.58
CA THR A 20 -6.38 -1.48 -3.73
C THR A 20 -5.90 -2.60 -2.81
N ILE A 21 -4.62 -2.57 -2.48
CA ILE A 21 -4.03 -3.59 -1.61
C ILE A 21 -2.77 -3.03 -0.96
N ARG A 22 -2.42 -3.55 0.23
CA ARG A 22 -1.21 -3.10 0.93
C ARG A 22 -0.49 -4.26 1.60
N GLU A 23 0.85 -4.16 1.61
CA GLU A 23 1.66 -5.20 2.23
C GLU A 23 3.13 -4.76 2.31
N LYS A 24 3.90 -5.44 3.17
CA LYS A 24 5.33 -5.17 3.34
C LYS A 24 5.66 -3.69 3.12
N NH2 A 25 4.74 -2.80 3.35
HN1 NH2 A 25 4.94 -1.85 3.27
HN2 NH2 A 25 3.84 -3.08 3.64
C ACE A 1 -6.81 6.59 -4.18
O ACE A 1 -6.98 7.74 -4.59
CH3 ACE A 1 -7.98 5.61 -4.07
H1 ACE A 1 -8.57 5.68 -4.97
H2 ACE A 1 -8.58 5.87 -3.22
H3 ACE A 1 -7.59 4.61 -3.94
N GLU A 2 -5.61 6.13 -3.80
CA GLU A 2 -4.43 6.99 -3.86
C GLU A 2 -3.14 6.22 -3.54
N ARG A 3 -2.20 6.92 -2.91
CA ARG A 3 -0.90 6.34 -2.56
C ARG A 3 -0.58 6.58 -1.08
N PHE A 4 -0.22 5.52 -0.37
CA PHE A 4 0.15 5.64 1.05
C PHE A 4 0.69 4.30 1.54
N TYR A 5 1.00 4.19 2.85
CA TYR A 5 1.61 2.97 3.37
C TYR A 5 2.99 2.78 2.74
N GLU A 6 4.05 2.73 3.59
CA GLU A 6 5.43 2.56 3.11
C GLU A 6 6.15 1.41 3.84
N LYS A 7 6.93 1.76 4.87
CA LYS A 7 7.67 0.76 5.62
C LYS A 7 8.16 1.41 6.92
CAA 4G6 A 8 7.88 1.34 11.76
CAF 4G6 A 8 7.24 0.90 10.44
CAB 4G6 A 8 5.76 1.26 10.46
NAD 4G6 A 8 7.43 -0.54 10.24
CAE 4G6 A 8 7.91 1.67 9.30
N 4G6 A 8 7.51 1.10 8.00
HAC 4G6 A 8 8.81 0.79 11.92
HAB 4G6 A 8 8.10 2.41 11.72
HAA 4G6 A 8 7.20 1.14 12.58
HAF 4G6 A 8 5.19 0.50 9.94
HAD 4G6 A 8 5.62 2.22 9.97
HAE 4G6 A 8 5.41 1.34 11.50
HAL 4G6 A 8 8.28 -0.85 9.78
HAH 4G6 A 8 8.99 1.63 9.40
HAG 4G6 A 8 7.59 2.71 9.35
H 4G6 A 8 6.74 0.46 7.96
N DPR A 9 6.20 -3.42 9.15
CA DPR A 9 6.92 -2.92 10.37
CB DPR A 9 6.44 -3.84 11.51
CG DPR A 9 5.83 -5.04 10.85
CD DPR A 9 5.36 -4.60 9.45
C DPR A 9 6.58 -1.46 10.64
O DPR A 9 5.53 -1.17 11.23
HA DPR A 9 7.98 -3.04 10.22
HB2 DPR A 9 7.28 -4.14 12.13
HB3 DPR A 9 5.70 -3.34 12.12
HG2 DPR A 9 6.56 -5.84 10.76
HG3 DPR A 9 4.97 -5.39 11.42
HD2 DPR A 9 5.54 -5.39 8.73
HD3 DPR A 9 4.32 -4.32 9.46
N VAL A 10 5.07 -2.22 5.99
CA VAL A 10 5.60 -3.34 6.76
C VAL A 10 6.35 -2.82 7.99
N GLN A 11 2.83 -1.07 4.10
CA GLN A 11 3.45 -0.57 5.33
C GLN A 11 3.86 -1.74 6.21
N LYS A 12 1.55 -0.13 0.97
CA LYS A 12 2.36 -1.11 1.70
C LYS A 12 3.12 -0.52 2.91
N PHE A 13 -0.41 0.33 -1.92
CA PHE A 13 -0.27 0.61 -0.50
C PHE A 13 0.52 -0.51 0.20
N ILE A 14 -1.59 1.64 -4.92
CA ILE A 14 -0.51 0.87 -4.28
C ILE A 14 -0.30 1.31 -2.83
N ARG A 15 -3.15 2.29 -7.95
CA ARG A 15 -3.38 2.01 -6.53
C ARG A 15 -2.27 1.15 -5.96
N VAL A 16 -4.33 2.70 -10.85
CA VAL A 16 -3.36 3.46 -10.05
C VAL A 16 -3.69 3.33 -8.57
C7 4FU A 17 -4.35 -0.56 -11.71
C8 4FU A 17 -4.69 0.10 -13.05
C9 4FU A 17 -3.46 0.12 -13.94
C11 4FU A 17 -3.81 0.78 -15.27
C12 4FU A 17 -4.30 2.20 -15.04
C13 4FU A 17 -5.52 2.17 -14.13
C14 4FU A 17 -5.18 1.52 -12.80
C 4FU A 17 -4.08 2.33 -12.07
O 4FU A 17 -3.02 2.58 -12.64
O1 4FU A 17 -4.59 0.03 -10.66
H8 4FU A 17 -5.47 -0.47 -13.54
H9 4FU A 17 -2.66 0.69 -13.45
HAI 4FU A 17 -3.12 -0.89 -14.13
H112 4FU A 17 -4.59 0.19 -15.76
H111 4FU A 17 -2.92 0.80 -15.90
HAG 4FU A 17 -3.51 2.79 -14.60
H12 4FU A 17 -4.58 2.63 -16.00
HAL 4FU A 17 -6.31 1.61 -14.61
HAK 4FU A 17 -5.85 3.20 -13.95
H14 4FU A 17 -6.07 1.49 -12.17
N GLY A 18 -3.84 -1.75 -11.74
CA GLY A 18 -3.51 -2.45 -10.50
C GLY A 18 -4.70 -2.43 -9.54
N VAL A 19 -4.44 -2.67 -8.27
CA VAL A 19 -5.51 -2.67 -7.26
C VAL A 19 -5.05 -2.02 -5.96
N THR A 20 -5.97 -1.92 -4.99
CA THR A 20 -5.64 -1.28 -3.71
C THR A 20 -5.52 -2.33 -2.61
N ILE A 21 -4.27 -2.59 -2.20
CA ILE A 21 -3.97 -3.56 -1.16
C ILE A 21 -2.91 -3.01 -0.21
N ARG A 22 -3.09 -3.24 1.10
CA ARG A 22 -2.15 -2.76 2.12
C ARG A 22 -1.31 -3.93 2.64
N GLU A 23 0.01 -3.74 2.66
CA GLU A 23 0.91 -4.78 3.16
C GLU A 23 0.94 -4.76 4.68
N LYS A 24 1.16 -5.93 5.28
CA LYS A 24 1.19 -6.04 6.73
C LYS A 24 2.45 -5.41 7.29
N NH2 A 25 2.36 -4.27 7.91
HN1 NH2 A 25 3.16 -3.84 8.27
HN2 NH2 A 25 1.49 -3.84 8.02
C ACE A 1 -4.20 6.98 -2.98
O ACE A 1 -3.42 7.15 -2.05
CH3 ACE A 1 -5.67 6.63 -2.71
H1 ACE A 1 -6.31 7.37 -3.17
H2 ACE A 1 -5.84 6.63 -1.64
H3 ACE A 1 -5.89 5.66 -3.11
N GLU A 2 -3.86 7.07 -4.25
CA GLU A 2 -2.49 7.40 -4.65
C GLU A 2 -1.51 6.39 -4.07
N ARG A 3 -0.60 6.86 -3.21
CA ARG A 3 0.41 6.00 -2.59
C ARG A 3 0.25 5.97 -1.07
N PHE A 4 0.82 4.95 -0.43
CA PHE A 4 0.73 4.82 1.02
C PHE A 4 1.97 4.09 1.57
N TYR A 5 3.00 4.85 2.00
CA TYR A 5 4.25 4.27 2.54
C TYR A 5 4.56 4.70 3.98
N GLU A 6 3.88 4.09 4.95
CA GLU A 6 4.15 4.38 6.38
C GLU A 6 4.55 3.09 7.09
N LYS A 7 5.01 3.22 8.34
CA LYS A 7 5.43 2.08 9.14
C LYS A 7 4.41 1.83 10.25
CAA 4G6 A 8 4.84 0.05 13.36
CAF 4G6 A 8 3.70 -0.66 12.62
CAB 4G6 A 8 2.61 -0.99 13.64
NAD 4G6 A 8 4.19 -1.90 11.99
CAE 4G6 A 8 3.13 0.30 11.58
N 4G6 A 8 4.12 0.59 10.53
HAC 4G6 A 8 4.84 -0.24 14.40
HAB 4G6 A 8 5.80 -0.24 12.90
HAA 4G6 A 8 4.72 1.13 13.27
HAF 4G6 A 8 3.03 -1.57 14.45
HAD 4G6 A 8 1.82 -1.56 13.16
HAE 4G6 A 8 2.19 -0.06 14.03
HAL 4G6 A 8 5.10 -2.23 12.23
HAH 4G6 A 8 2.85 1.23 12.07
HAG 4G6 A 8 2.25 -0.15 11.13
H 4G6 A 8 4.55 -0.15 10.02
N DPR A 9 4.57 -3.66 9.18
CA DPR A 9 4.08 -3.85 10.57
CB DPR A 9 3.03 -4.96 10.45
CG DPR A 9 3.46 -5.77 9.27
CD DPR A 9 4.27 -4.86 8.34
C DPR A 9 3.46 -2.57 11.14
O DPR A 9 2.33 -2.22 10.82
HA DPR A 9 4.88 -4.18 11.21
HB2 DPR A 9 3.02 -5.56 11.36
HB3 DPR A 9 2.04 -4.53 10.29
HG2 DPR A 9 4.06 -6.61 9.60
HG3 DPR A 9 2.59 -6.16 8.74
HD2 DPR A 9 5.19 -5.35 8.04
HD3 DPR A 9 3.69 -4.57 7.47
N VAL A 10 4.90 -1.45 6.59
CA VAL A 10 5.68 -2.44 7.33
C VAL A 10 5.18 -2.57 8.78
N GLN A 11 3.09 -1.02 3.68
CA GLN A 11 3.18 -0.67 5.10
C GLN A 11 3.87 -1.81 5.85
N LYS A 12 2.13 0.21 0.58
CA LYS A 12 3.14 -0.57 1.28
C LYS A 12 3.25 -0.09 2.74
N PHE A 13 0.13 0.50 -2.21
CA PHE A 13 0.21 0.68 -0.76
C PHE A 13 1.12 -0.34 -0.11
N ILE A 14 -0.68 1.75 -5.05
CA ILE A 14 0.52 1.08 -4.56
C ILE A 14 0.71 1.35 -3.07
N ARG A 15 -3.82 1.03 -6.81
CA ARG A 15 -2.86 1.91 -6.13
C ARG A 15 -1.64 1.09 -5.70
N VAL A 16 -6.51 1.04 -9.12
CA VAL A 16 -5.33 0.34 -8.58
C VAL A 16 -4.35 1.35 -8.00
C7 4FU A 17 -9.53 -0.29 -10.34
C8 4FU A 17 -9.19 1.19 -10.51
C9 4FU A 17 -8.03 1.36 -11.49
C11 4FU A 17 -7.71 2.84 -11.64
C12 4FU A 17 -7.36 3.45 -10.29
C13 4FU A 17 -8.51 3.25 -9.32
C14 4FU A 17 -8.84 1.77 -9.15
C 4FU A 17 -7.67 1.02 -8.52
O 4FU A 17 -7.84 0.41 -7.47
O1 4FU A 17 -10.43 -0.63 -9.56
H8 4FU A 17 -10.07 1.71 -10.91
H9 4FU A 17 -7.17 0.82 -11.12
HAI 4FU A 17 -8.31 0.97 -12.46
H112 4FU A 17 -8.58 3.36 -12.05
H111 4FU A 17 -6.87 2.96 -12.31
HAG 4FU A 17 -6.45 3.00 -9.89
H12 4FU A 17 -7.19 4.52 -10.42
HAL 4FU A 17 -9.38 3.77 -9.69
HAK 4FU A 17 -8.23 3.66 -8.35
H14 4FU A 17 -9.71 1.68 -8.50
N GLY A 18 -8.82 -1.16 -11.01
CA GLY A 18 -9.08 -2.59 -10.84
C GLY A 18 -9.05 -2.93 -9.36
N VAL A 19 -7.88 -2.83 -8.75
CA VAL A 19 -7.74 -3.09 -7.32
C VAL A 19 -6.33 -2.75 -6.83
N THR A 20 -6.20 -2.54 -5.52
CA THR A 20 -4.92 -2.21 -4.90
C THR A 20 -4.54 -3.21 -3.81
N ILE A 21 -3.24 -3.30 -3.55
CA ILE A 21 -2.72 -4.22 -2.55
C ILE A 21 -2.18 -3.43 -1.35
N ARG A 22 -2.67 -3.80 -0.16
CA ARG A 22 -2.26 -3.15 1.09
C ARG A 22 -1.53 -4.15 1.99
N GLU A 23 -0.21 -4.30 1.78
CA GLU A 23 0.60 -5.23 2.58
C GLU A 23 2.10 -4.86 2.50
N LYS A 24 2.93 -5.48 3.37
CA LYS A 24 4.37 -5.21 3.38
C LYS A 24 4.66 -3.73 3.53
N NH2 A 25 5.49 -3.33 4.44
HN1 NH2 A 25 5.69 -2.37 4.55
HN2 NH2 A 25 5.92 -3.98 5.03
C ACE A 1 -6.03 5.56 -3.76
O ACE A 1 -5.33 5.53 -4.77
CH3 ACE A 1 -7.36 4.82 -3.71
H1 ACE A 1 -8.14 5.44 -4.14
H2 ACE A 1 -7.61 4.60 -2.68
H3 ACE A 1 -7.28 3.90 -4.26
N GLU A 2 -5.70 6.24 -2.66
CA GLU A 2 -4.45 6.98 -2.58
C GLU A 2 -3.24 6.05 -2.42
N ARG A 3 -2.10 6.64 -2.04
CA ARG A 3 -0.87 5.87 -1.87
C ARG A 3 -0.50 5.78 -0.38
N PHE A 4 0.12 4.66 0.02
CA PHE A 4 0.57 4.51 1.40
C PHE A 4 1.83 3.65 1.38
N TYR A 5 2.97 4.27 1.66
CA TYR A 5 4.28 3.61 1.62
C TYR A 5 4.54 2.68 2.81
N GLU A 6 5.57 1.85 2.62
CA GLU A 6 6.04 0.88 3.60
C GLU A 6 6.34 1.51 4.97
N LYS A 7 5.79 2.68 5.29
CA LYS A 7 6.08 3.31 6.59
C LYS A 7 4.92 3.19 7.56
CAA 4G6 A 8 5.72 3.22 11.54
CAF 4G6 A 8 4.81 2.08 11.08
CAB 4G6 A 8 3.71 1.89 12.12
NAD 4G6 A 8 5.60 0.85 10.92
CAE 4G6 A 8 4.17 2.47 9.75
N 4G6 A 8 5.21 2.66 8.72
HAC 4G6 A 8 5.15 4.15 11.56
HAB 4G6 A 8 6.11 3.01 12.53
HAA 4G6 A 8 6.56 3.33 10.85
HAF 4G6 A 8 4.05 1.19 12.88
HAD 4G6 A 8 2.82 1.50 11.64
HAE 4G6 A 8 3.48 2.85 12.59
HAL 4G6 A 8 6.58 0.92 10.77
HAH 4G6 A 8 3.62 3.41 9.87
HAG 4G6 A 8 3.49 1.69 9.44
H 4G6 A 8 6.15 2.36 8.91
N DPR A 9 5.82 -2.15 9.40
CA DPR A 9 6.01 -1.52 10.74
CB DPR A 9 5.74 -2.64 11.75
CG DPR A 9 5.90 -3.93 10.97
CD DPR A 9 5.59 -3.59 9.50
C DPR A 9 5.05 -0.34 10.94
O DPR A 9 3.84 -0.53 11.10
HA DPR A 9 7.03 -1.18 10.84
HB2 DPR A 9 6.46 -2.61 12.56
HB3 DPR A 9 4.74 -2.57 12.15
HG2 DPR A 9 6.91 -4.30 11.07
HG3 DPR A 9 5.20 -4.67 11.33
HD2 DPR A 9 6.27 -4.13 8.85
HD3 DPR A 9 4.57 -3.84 9.25
N VAL A 10 4.63 -1.29 6.19
CA VAL A 10 5.59 -2.11 6.93
C VAL A 10 5.84 -1.42 8.30
N GLN A 11 2.39 -1.33 3.30
CA GLN A 11 2.82 -0.86 4.62
C GLN A 11 3.81 -1.82 5.28
N LYS A 12 1.21 -0.32 0.38
CA LYS A 12 2.18 -1.30 0.89
C LYS A 12 2.79 -0.74 2.17
N PHE A 13 -1.28 0.31 -1.50
CA PHE A 13 -1.00 0.56 -0.08
C PHE A 13 -0.10 -0.53 0.48
N ILE A 14 -2.58 1.70 -4.41
CA ILE A 14 -1.51 0.87 -3.85
C ILE A 14 -1.19 1.28 -2.41
N ARG A 15 -4.11 2.73 -7.23
CA ARG A 15 -4.43 2.17 -5.94
C ARG A 15 -3.32 1.25 -5.43
N VAL A 16 -5.24 3.37 -10.10
CA VAL A 16 -4.56 4.21 -9.10
C VAL A 16 -4.88 3.69 -7.72
C7 4FU A 17 -4.88 0.49 -11.23
C8 4FU A 17 -6.12 1.25 -11.67
C9 4FU A 17 -6.91 0.40 -12.65
C11 4FU A 17 -6.08 0.10 -13.88
C12 4FU A 17 -5.65 1.39 -14.55
C13 4FU A 17 -4.86 2.25 -13.57
C14 4FU A 17 -5.72 2.55 -12.36
C 4FU A 17 -4.95 3.45 -11.39
O 4FU A 17 -4.08 4.19 -11.83
O1 4FU A 17 -4.69 -0.66 -11.61
H8 4FU A 17 -6.74 1.47 -10.80
H9 4FU A 17 -7.21 -0.53 -12.16
HAI 4FU A 17 -7.81 0.94 -12.95
H112 4FU A 17 -6.68 -0.49 -14.58
H111 4FU A 17 -5.20 -0.47 -13.59
HAG 4FU A 17 -5.03 1.17 -15.42
H12 4FU A 17 -6.55 1.93 -14.87
HAL 4FU A 17 -4.57 3.18 -14.06
HAK 4FU A 17 -3.97 1.70 -13.26
H14 4FU A 17 -6.62 3.07 -12.68
N GLY A 18 -4.03 1.08 -10.40
CA GLY A 18 -2.83 0.39 -9.91
C GLY A 18 -3.20 -1.04 -9.57
N VAL A 19 -3.67 -1.26 -8.35
CA VAL A 19 -4.11 -2.59 -7.96
C VAL A 19 -4.77 -2.59 -6.59
N THR A 20 -5.46 -3.68 -6.26
CA THR A 20 -6.14 -3.81 -4.96
C THR A 20 -5.40 -4.81 -4.07
N ILE A 21 -4.42 -4.31 -3.31
CA ILE A 21 -3.65 -5.17 -2.43
C ILE A 21 -2.86 -4.34 -1.43
N ARG A 22 -2.62 -4.89 -0.24
CA ARG A 22 -1.86 -4.18 0.79
C ARG A 22 -1.22 -5.15 1.77
N GLU A 23 -0.17 -4.69 2.45
CA GLU A 23 0.53 -5.56 3.40
C GLU A 23 1.35 -4.75 4.41
N LYS A 24 1.59 -5.37 5.57
CA LYS A 24 2.36 -4.77 6.64
C LYS A 24 3.82 -5.15 6.47
N NH2 A 25 4.31 -5.27 5.27
HN1 NH2 A 25 5.26 -5.46 5.14
HN2 NH2 A 25 3.74 -5.13 4.49
C ACE A 1 -5.83 7.22 -4.81
O ACE A 1 -5.79 8.28 -5.45
CH3 ACE A 1 -7.12 6.40 -4.75
H1 ACE A 1 -7.85 6.93 -4.15
H2 ACE A 1 -6.92 5.44 -4.30
H3 ACE A 1 -7.51 6.27 -5.74
N GLU A 2 -4.79 6.73 -4.15
CA GLU A 2 -3.51 7.42 -4.14
C GLU A 2 -2.37 6.50 -3.70
N ARG A 3 -1.54 6.99 -2.77
CA ARG A 3 -0.40 6.23 -2.27
C ARG A 3 -0.39 6.18 -0.75
N PHE A 4 0.17 5.10 -0.19
CA PHE A 4 0.23 4.93 1.27
C PHE A 4 1.50 4.15 1.67
N TYR A 5 2.46 4.86 2.25
CA TYR A 5 3.71 4.24 2.75
C TYR A 5 3.82 4.43 4.25
N GLU A 6 4.16 3.34 4.95
CA GLU A 6 4.29 3.40 6.41
C GLU A 6 5.56 2.68 6.85
N LYS A 7 6.34 3.33 7.71
CA LYS A 7 7.59 2.75 8.23
C LYS A 7 7.47 2.56 9.74
CAA 4G6 A 8 6.03 0.31 13.44
CAF 4G6 A 8 6.25 0.33 11.93
CAB 4G6 A 8 5.12 1.10 11.26
NAD 4G6 A 8 6.33 -1.04 11.40
CAE 4G6 A 8 7.56 1.07 11.62
N 4G6 A 8 7.67 1.36 10.19
HAC 4G6 A 8 5.53 -0.61 13.72
HAB 4G6 A 8 6.99 0.38 13.95
HAA 4G6 A 8 5.40 1.16 13.72
HAF 4G6 A 8 4.16 0.69 11.57
HAD 4G6 A 8 5.22 1.02 10.18
HAE 4G6 A 8 5.17 2.15 11.54
HAL 4G6 A 8 7.24 -1.46 11.32
HAH 4G6 A 8 8.40 0.46 11.94
HAG 4G6 A 8 7.57 2.01 12.19
H 4G6 A 8 7.89 0.61 9.55
N DPR A 9 5.47 -3.24 9.02
CA DPR A 9 5.61 -3.13 10.50
CB DPR A 9 4.62 -4.17 11.03
CG DPR A 9 4.59 -5.24 9.98
CD DPR A 9 4.97 -4.57 8.63
C DPR A 9 5.29 -1.73 11.02
O DPR A 9 4.13 -1.32 11.06
HA DPR A 9 6.61 -3.41 10.80
HB2 DPR A 9 4.96 -4.56 11.98
HB3 DPR A 9 3.64 -3.73 11.14
HG2 DPR A 9 5.32 -6.01 10.22
HG3 DPR A 9 3.61 -5.67 9.91
HD2 DPR A 9 5.74 -5.15 8.13
HD3 DPR A 9 4.10 -4.48 8.01
N VAL A 10 4.53 -1.67 6.12
CA VAL A 10 5.65 -2.45 6.68
C VAL A 10 5.78 -2.24 8.20
N GLN A 11 2.24 -1.59 3.85
CA GLN A 11 2.25 -1.37 5.30
C GLN A 11 3.33 -2.23 5.93
N LYS A 12 1.69 -0.07 0.82
CA LYS A 12 2.56 -1.02 1.50
C LYS A 12 2.66 -0.66 2.99
N PHE A 13 -0.27 0.60 -1.81
CA PHE A 13 -0.30 0.70 -0.34
C PHE A 13 0.51 -0.41 0.32
N ILE A 14 -0.84 1.88 -4.71
CA ILE A 14 0.32 1.22 -4.08
C ILE A 14 0.39 1.48 -2.58
N ARG A 15 -3.23 1.21 -7.39
CA ARG A 15 -2.67 2.03 -6.31
C ARG A 15 -1.47 1.29 -5.72
N VAL A 16 -4.76 1.21 -10.41
CA VAL A 16 -3.66 0.55 -9.70
C VAL A 16 -3.04 1.51 -8.67
C7 4FU A 17 -8.07 -0.59 -11.85
C8 4FU A 17 -7.47 0.44 -12.80
C9 4FU A 17 -6.71 -0.26 -13.92
C11 4FU A 17 -6.10 0.78 -14.85
C12 4FU A 17 -5.18 1.70 -14.06
C13 4FU A 17 -5.97 2.40 -12.97
C14 4FU A 17 -6.56 1.37 -12.02
C 4FU A 17 -5.44 0.59 -11.34
O 4FU A 17 -5.21 -0.58 -11.66
O1 4FU A 17 -9.19 -0.41 -11.36
H8 4FU A 17 -8.29 1.02 -13.25
H9 4FU A 17 -5.91 -0.87 -13.49
HAI 4FU A 17 -7.38 -0.89 -14.49
H112 4FU A 17 -6.90 1.37 -15.31
H111 4FU A 17 -5.54 0.28 -15.63
HAG 4FU A 17 -4.37 1.12 -13.62
H12 4FU A 17 -4.76 2.45 -14.74
HAL 4FU A 17 -6.78 2.98 -13.43
HAK 4FU A 17 -5.32 3.07 -12.41
H14 4FU A 17 -7.15 1.88 -11.25
N GLY A 18 -7.35 -1.65 -11.57
CA GLY A 18 -7.84 -2.67 -10.64
C GLY A 18 -8.31 -2.02 -9.34
N VAL A 19 -7.47 -2.10 -8.30
CA VAL A 19 -7.82 -1.49 -7.02
C VAL A 19 -6.56 -1.05 -6.29
N THR A 20 -6.22 -1.75 -5.21
CA THR A 20 -5.04 -1.40 -4.43
C THR A 20 -4.43 -2.65 -3.78
N ILE A 21 -3.12 -2.60 -3.52
CA ILE A 21 -2.43 -3.74 -2.91
C ILE A 21 -2.04 -3.42 -1.46
N ARG A 22 -2.30 -4.38 -0.57
CA ARG A 22 -2.01 -4.26 0.86
C ARG A 22 -0.99 -5.31 1.28
N GLU A 23 0.13 -4.88 1.91
CA GLU A 23 1.12 -5.88 2.35
C GLU A 23 1.79 -5.45 3.66
N LYS A 24 2.49 -6.40 4.29
CA LYS A 24 3.15 -6.17 5.55
C LYS A 24 4.45 -5.44 5.33
N NH2 A 25 4.45 -4.37 4.58
HN1 NH2 A 25 5.26 -3.85 4.47
HN2 NH2 A 25 3.62 -4.08 4.14
C ACE A 1 -5.51 7.55 -5.39
O ACE A 1 -5.21 8.71 -5.64
CH3 ACE A 1 -6.72 6.88 -6.05
H1 ACE A 1 -6.41 6.46 -6.99
H2 ACE A 1 -7.48 7.62 -6.21
H3 ACE A 1 -7.09 6.11 -5.41
N GLU A 2 -4.84 6.79 -4.52
CA GLU A 2 -3.67 7.32 -3.82
C GLU A 2 -2.79 6.19 -3.30
N ARG A 3 -1.62 6.55 -2.74
CA ARG A 3 -0.68 5.57 -2.21
C ARG A 3 -0.45 5.84 -0.72
N PHE A 4 -0.04 4.80 0.01
CA PHE A 4 0.25 4.93 1.44
C PHE A 4 1.52 4.16 1.78
N TYR A 5 2.53 4.87 2.30
CA TYR A 5 3.82 4.25 2.64
C TYR A 5 4.33 4.71 3.99
N GLU A 6 4.66 3.75 4.86
CA GLU A 6 5.18 4.07 6.18
C GLU A 6 5.93 2.88 6.79
N LYS A 7 6.96 3.20 7.58
CA LYS A 7 7.77 2.19 8.25
C LYS A 7 7.51 2.23 9.75
CAA 4G6 A 8 5.98 -0.25 13.63
CAF 4G6 A 8 6.08 -0.10 12.10
CAB 4G6 A 8 4.70 0.27 11.55
NAD 4G6 A 8 6.56 -1.35 11.50
CAE 4G6 A 8 7.04 1.04 11.78
N 4G6 A 8 7.31 1.08 10.34
HAC 4G6 A 8 5.39 0.57 14.03
HAB 4G6 A 8 5.50 -1.19 13.87
HAA 4G6 A 8 6.98 -0.23 14.05
HAF 4G6 A 8 4.47 -0.38 10.70
HAD 4G6 A 8 4.70 1.30 11.24
HAE 4G6 A 8 3.94 0.11 12.33
HAL 4G6 A 8 7.52 -1.43 11.25
HAH 4G6 A 8 7.97 0.88 12.32
HAG 4G6 A 8 6.59 1.98 12.09
H 4G6 A 8 7.36 0.23 9.80
N DPR A 9 6.06 -3.82 9.24
CA DPR A 9 6.46 -3.60 10.69
CB DPR A 9 6.05 -4.90 11.41
CG DPR A 9 5.91 -5.93 10.34
CD DPR A 9 5.55 -5.20 9.04
C DPR A 9 5.77 -2.38 11.30
O DPR A 9 4.57 -2.39 11.58
HA DPR A 9 7.53 -3.48 10.75
HB2 DPR A 9 6.80 -5.18 12.13
HB3 DPR A 9 5.10 -4.76 11.92
HG2 DPR A 9 6.85 -6.45 10.21
HG3 DPR A 9 5.13 -6.63 10.58
HD2 DPR A 9 6.04 -5.66 8.19
HD3 DPR A 9 4.49 -5.17 8.90
N VAL A 10 5.05 -2.03 6.28
CA VAL A 10 5.79 -3.17 6.87
C VAL A 10 6.18 -2.87 8.33
N GLN A 11 3.00 -1.18 3.55
CA GLN A 11 3.30 -0.98 4.97
C GLN A 11 3.95 -2.23 5.54
N LYS A 12 1.85 0.27 0.74
CA LYS A 12 2.96 -0.56 1.19
C LYS A 12 3.32 -0.25 2.64
N PHE A 13 -0.87 0.46 -1.28
CA PHE A 13 -0.41 0.79 0.08
C PHE A 13 0.64 -0.22 0.53
N ILE A 14 -1.97 1.82 -4.30
CA ILE A 14 -1.18 0.76 -3.66
C ILE A 14 -0.58 1.23 -2.33
N ARG A 15 -4.14 2.43 -7.02
CA ARG A 15 -3.81 2.71 -5.62
C ARG A 15 -3.07 1.53 -4.99
N VAL A 16 -6.35 2.37 -9.28
CA VAL A 16 -4.99 2.95 -9.24
C VAL A 16 -4.67 3.36 -7.80
C7 4FU A 17 -8.12 -0.84 -11.46
C8 4FU A 17 -8.85 0.49 -11.29
C9 4FU A 17 -8.70 1.35 -12.53
C11 4FU A 17 -8.99 2.81 -12.25
C12 4FU A 17 -9.94 2.95 -11.07
C13 4FU A 17 -9.30 2.38 -9.80
C14 4FU A 17 -8.33 1.25 -10.08
C 4FU A 17 -6.91 1.78 -10.32
O 4FU A 17 -6.35 1.63 -11.40
O1 4FU A 17 -7.17 -0.93 -12.23
H8 4FU A 17 -9.92 0.28 -11.14
H9 4FU A 17 -7.69 1.25 -12.91
HAI 4FU A 17 -9.40 0.99 -13.29
H112 4FU A 17 -9.45 3.27 -13.13
H111 4FU A 17 -8.05 3.33 -12.03
HAG 4FU A 17 -10.18 4.00 -10.92
H12 4FU A 17 -10.85 2.40 -11.29
HAL 4FU A 17 -10.10 2.03 -9.15
HAK 4FU A 17 -8.77 3.19 -9.29
H14 4FU A 17 -8.32 0.58 -9.21
N GLY A 18 -8.55 -1.85 -10.75
CA GLY A 18 -7.92 -3.15 -10.83
C GLY A 18 -6.56 -3.09 -10.15
N VAL A 19 -6.35 -2.02 -9.38
CA VAL A 19 -5.09 -1.81 -8.68
C VAL A 19 -5.30 -1.81 -7.16
N THR A 20 -4.98 -2.94 -6.51
CA THR A 20 -5.13 -3.05 -5.06
C THR A 20 -4.08 -4.00 -4.50
N ILE A 21 -3.56 -3.66 -3.31
CA ILE A 21 -2.57 -4.52 -2.66
C ILE A 21 -2.26 -4.00 -1.26
N ARG A 22 -2.53 -4.82 -0.24
CA ARG A 22 -2.27 -4.44 1.15
C ARG A 22 -1.04 -5.19 1.68
N GLU A 23 -0.05 -4.44 2.18
CA GLU A 23 1.16 -5.07 2.74
C GLU A 23 1.18 -4.80 4.24
N LYS A 24 1.41 -5.85 5.02
CA LYS A 24 1.44 -5.73 6.48
C LYS A 24 2.80 -5.23 6.94
N NH2 A 25 2.88 -4.05 7.48
HN1 NH2 A 25 3.75 -3.72 7.81
HN2 NH2 A 25 2.08 -3.49 7.57
C ACE A 1 -4.74 7.45 -5.37
O ACE A 1 -3.70 8.10 -5.47
CH3 ACE A 1 -5.54 7.07 -6.60
H1 ACE A 1 -4.87 6.76 -7.40
H2 ACE A 1 -6.13 7.91 -6.93
H3 ACE A 1 -6.20 6.25 -6.37
N GLU A 2 -5.23 7.04 -4.20
CA GLU A 2 -4.54 7.35 -2.94
C GLU A 2 -3.49 6.28 -2.61
N ARG A 3 -2.34 6.73 -2.10
CA ARG A 3 -1.25 5.82 -1.76
C ARG A 3 -0.86 5.94 -0.29
N PHE A 4 -0.27 4.87 0.28
CA PHE A 4 0.16 4.90 1.68
C PHE A 4 1.35 3.97 1.91
N TYR A 5 2.53 4.54 2.23
CA TYR A 5 3.74 3.75 2.54
C TYR A 5 4.21 4.01 3.97
N GLU A 6 4.33 2.93 4.75
CA GLU A 6 4.81 3.03 6.14
C GLU A 6 6.22 2.49 6.21
N LYS A 7 7.13 3.30 6.77
CA LYS A 7 8.54 2.91 6.92
C LYS A 7 8.91 2.65 8.38
CAA 4G6 A 8 10.77 -0.47 9.15
CAF 4G6 A 8 9.76 -0.31 10.29
CAB 4G6 A 8 10.53 -0.40 11.61
NAD 4G6 A 8 8.75 -1.37 10.22
CAE 4G6 A 8 9.15 1.09 10.19
N 4G6 A 8 8.81 1.42 8.80
HAC 4G6 A 8 11.03 0.52 8.75
HAB 4G6 A 8 11.66 -0.96 9.51
HAA 4G6 A 8 10.32 -1.07 8.35
HAF 4G6 A 8 10.64 -1.46 11.89
HAD 4G6 A 8 9.98 0.12 12.39
HAE 4G6 A 8 11.51 0.04 11.49
HAL 4G6 A 8 9.05 -2.30 10.37
HAH 4G6 A 8 9.87 1.83 10.56
HAG 4G6 A 8 8.25 1.13 10.80
H 4G6 A 8 8.52 0.69 8.18
N DPR A 9 6.17 -2.82 8.58
CA DPR A 9 6.69 -2.48 9.94
CB DPR A 9 5.40 -2.38 10.77
CG DPR A 9 4.48 -3.41 10.16
CD DPR A 9 4.96 -3.65 8.71
C DPR A 9 7.47 -1.16 9.96
O DPR A 9 6.93 -0.08 9.72
HA DPR A 9 7.30 -3.27 10.32
HB2 DPR A 9 5.61 -2.62 11.81
HB3 DPR A 9 4.98 -1.39 10.68
HG2 DPR A 9 4.51 -4.33 10.73
HG3 DPR A 9 3.47 -3.02 10.14
HD2 DPR A 9 5.21 -4.71 8.57
HD3 DPR A 9 4.22 -3.34 7.99
N VAL A 10 5.03 -1.95 5.72
CA VAL A 10 6.09 -2.87 6.14
C VAL A 10 6.74 -2.43 7.47
N GLN A 11 2.44 -1.50 3.72
CA GLN A 11 2.76 -1.29 5.13
C GLN A 11 3.76 -2.35 5.59
N LYS A 12 1.38 0.00 0.89
CA LYS A 12 2.40 -0.94 1.34
C LYS A 12 2.80 -0.62 2.78
N PHE A 13 -1.48 0.41 -1.00
CA PHE A 13 -0.87 0.72 0.30
C PHE A 13 0.11 -0.37 0.72
N ILE A 14 -3.00 1.68 -3.94
CA ILE A 14 -2.11 0.68 -3.31
C ILE A 14 -1.40 1.21 -2.07
N ARG A 15 -5.81 1.84 -6.27
CA ARG A 15 -4.95 2.37 -5.22
C ARG A 15 -4.11 1.29 -4.58
N VAL A 16 -6.36 1.98 -9.86
CA VAL A 16 -6.68 1.53 -8.52
C VAL A 16 -5.70 2.19 -7.54
C7 4FU A 17 -4.84 1.29 -12.05
C8 4FU A 17 -5.30 2.74 -12.25
C9 4FU A 17 -4.62 3.66 -11.26
C11 4FU A 17 -5.08 5.09 -11.48
C12 4FU A 17 -6.59 5.18 -11.33
C13 4FU A 17 -7.25 4.26 -12.33
C14 4FU A 17 -6.82 2.82 -12.11
C 4FU A 17 -7.27 2.38 -10.71
O 4FU A 17 -8.47 2.39 -10.42
O1 4FU A 17 -5.50 0.36 -12.52
H8 4FU A 17 -5.03 3.06 -13.25
H9 4FU A 17 -4.85 3.35 -10.23
HAI 4FU A 17 -3.54 3.60 -11.40
H112 4FU A 17 -4.79 5.41 -12.48
H111 4FU A 17 -4.59 5.74 -10.75
HAG 4FU A 17 -6.87 4.88 -10.31
H12 4FU A 17 -6.90 6.21 -11.50
HAL 4FU A 17 -6.97 4.57 -13.34
HAK 4FU A 17 -8.34 4.34 -12.24
H14 4FU A 17 -7.29 2.19 -12.85
N GLY A 18 -3.71 1.11 -11.42
CA GLY A 18 -3.14 -0.24 -11.21
C GLY A 18 -4.12 -1.22 -10.57
N VAL A 19 -3.69 -1.83 -9.46
CA VAL A 19 -4.51 -2.81 -8.74
C VAL A 19 -4.53 -2.48 -7.24
N THR A 20 -5.14 -3.36 -6.44
CA THR A 20 -5.22 -3.14 -4.98
C THR A 20 -4.55 -4.27 -4.21
N ILE A 21 -3.71 -3.88 -3.24
CA ILE A 21 -3.00 -4.83 -2.39
C ILE A 21 -2.57 -4.12 -1.11
N ARG A 22 -2.71 -4.80 0.04
CA ARG A 22 -2.36 -4.20 1.33
C ARG A 22 -1.31 -5.05 2.04
N GLU A 23 -0.05 -4.62 1.98
CA GLU A 23 1.03 -5.36 2.63
C GLU A 23 1.00 -5.05 4.12
N LYS A 24 1.65 -5.87 4.94
CA LYS A 24 1.66 -5.64 6.39
C LYS A 24 3.02 -5.98 6.97
N NH2 A 25 4.09 -5.68 6.29
HN1 NH2 A 25 4.97 -5.82 6.67
HN2 NH2 A 25 4.00 -5.29 5.39
C ACE A 1 -5.51 7.18 -6.53
O ACE A 1 -5.31 8.38 -6.53
CH3 ACE A 1 -6.34 6.53 -7.63
H1 ACE A 1 -5.80 5.68 -8.04
H2 ACE A 1 -6.53 7.25 -8.42
H3 ACE A 1 -7.28 6.19 -7.23
N GLU A 2 -5.04 6.36 -5.59
CA GLU A 2 -4.24 6.87 -4.48
C GLU A 2 -3.35 5.77 -3.91
N ARG A 3 -2.48 6.15 -2.98
CA ARG A 3 -1.57 5.20 -2.35
C ARG A 3 -1.21 5.57 -0.91
N PHE A 4 -0.53 4.65 -0.21
CA PHE A 4 -0.17 4.90 1.17
C PHE A 4 1.09 4.12 1.59
N TYR A 5 2.08 4.84 2.13
CA TYR A 5 3.33 4.20 2.61
C TYR A 5 3.57 4.52 4.07
N GLU A 6 3.87 3.47 4.83
CA GLU A 6 4.15 3.61 6.26
C GLU A 6 4.64 2.28 6.83
N LYS A 7 5.48 2.33 7.85
CA LYS A 7 6.01 1.11 8.48
C LYS A 7 5.42 0.88 9.88
CAA 4G6 A 8 7.28 -1.63 12.74
CAF 4G6 A 8 5.80 -1.80 12.41
CAB 4G6 A 8 5.04 -2.11 13.70
NAD 4G6 A 8 5.62 -2.89 11.45
CAE 4G6 A 8 5.27 -0.47 11.85
N 4G6 A 8 5.81 -0.20 10.51
HAC 4G6 A 8 7.43 -0.71 13.30
HAB 4G6 A 8 7.61 -2.48 13.33
HAA 4G6 A 8 7.85 -1.59 11.81
HAF 4G6 A 8 5.48 -3.00 14.17
HAD 4G6 A 8 4.00 -2.30 13.48
HAE 4G6 A 8 5.13 -1.27 14.39
HAL 4G6 A 8 6.32 -3.62 11.41
HAH 4G6 A 8 5.57 0.34 12.53
HAG 4G6 A 8 4.18 -0.51 11.81
H 4G6 A 8 6.46 -0.83 10.09
N DPR A 9 4.90 -3.88 8.33
CA DPR A 9 4.52 -4.21 9.73
CB DPR A 9 3.08 -4.73 9.58
CG DPR A 9 2.98 -5.28 8.19
CD DPR A 9 4.08 -4.59 7.34
C DPR A 9 4.58 -3.00 10.66
O DPR A 9 3.66 -2.18 10.65
HA DPR A 9 5.15 -5.01 10.11
HB2 DPR A 9 2.88 -5.50 10.32
HB3 DPR A 9 2.37 -3.91 9.72
HG2 DPR A 9 3.15 -6.35 8.21
HG3 DPR A 9 2.01 -5.07 7.77
HD2 DPR A 9 4.66 -5.32 6.81
HD3 DPR A 9 3.64 -3.88 6.65
N VAL A 10 5.22 -1.86 6.03
CA VAL A 10 6.19 -2.80 6.57
C VAL A 10 5.89 -3.07 8.05
N GLN A 11 3.25 -1.21 3.01
CA GLN A 11 3.74 -0.94 4.36
C GLN A 11 4.72 -2.01 4.80
N LYS A 12 1.53 0.10 0.33
CA LYS A 12 2.71 -0.68 0.70
C LYS A 12 3.23 -0.27 2.08
N PHE A 13 -1.29 0.11 -1.51
CA PHE A 13 -0.82 0.46 -0.16
C PHE A 13 0.31 -0.46 0.25
N ILE A 14 -2.16 1.40 -4.74
CA ILE A 14 -1.59 0.33 -3.92
C ILE A 14 -1.06 0.88 -2.58
N ARG A 15 -3.14 2.24 -7.95
CA ARG A 15 -3.48 2.37 -6.54
C ARG A 15 -3.01 1.15 -5.75
N VAL A 16 -4.04 2.17 -11.03
CA VAL A 16 -3.01 2.91 -10.28
C VAL A 16 -3.45 3.17 -8.84
C7 4FU A 17 -5.63 -0.62 -11.06
C8 4FU A 17 -6.05 0.50 -12.01
C9 4FU A 17 -7.20 0.05 -12.90
C11 4FU A 17 -6.75 -0.70 -14.14
C12 4FU A 17 -5.43 -1.42 -13.88
C13 4FU A 17 -4.33 -0.40 -13.56
C14 4FU A 17 -4.89 0.87 -12.92
C 4FU A 17 -3.77 1.59 -12.19
O 4FU A 17 -2.65 1.64 -12.70
O1 4FU A 17 -6.24 -1.70 -11.08
H8 4FU A 17 -6.34 1.37 -11.43
H9 4FU A 17 -7.87 -0.58 -12.32
HAI 4FU A 17 -7.77 0.95 -13.21
H112 4FU A 17 -6.62 0.01 -14.97
H111 4FU A 17 -7.51 -1.42 -14.41
HAG 4FU A 17 -5.54 -2.09 -13.05
H12 4FU A 17 -5.16 -1.97 -14.77
HAL 4FU A 17 -3.82 -0.15 -14.48
HAK 4FU A 17 -3.62 -0.86 -12.87
H14 4FU A 17 -5.26 1.51 -13.73
N GLY A 18 -4.62 -0.41 -10.27
CA GLY A 18 -4.18 -1.43 -9.33
C GLY A 18 -5.33 -1.76 -8.39
N VAL A 19 -5.09 -1.71 -7.09
CA VAL A 19 -6.16 -1.98 -6.16
C VAL A 19 -5.73 -1.61 -4.73
N THR A 20 -6.56 -1.91 -3.73
CA THR A 20 -6.22 -1.58 -2.34
C THR A 20 -5.82 -2.82 -1.57
N ILE A 21 -4.54 -2.88 -1.24
CA ILE A 21 -3.98 -4.00 -0.47
C ILE A 21 -2.83 -3.50 0.38
N ARG A 22 -2.83 -3.87 1.66
CA ARG A 22 -1.77 -3.43 2.58
C ARG A 22 -0.86 -4.59 2.94
N GLU A 23 0.42 -4.46 2.62
CA GLU A 23 1.38 -5.50 2.91
C GLU A 23 2.83 -5.02 2.77
N LYS A 24 3.77 -5.88 3.17
CA LYS A 24 5.21 -5.59 3.10
C LYS A 24 5.53 -4.53 2.04
N NH2 A 25 6.42 -3.63 2.30
HN1 NH2 A 25 6.59 -2.91 1.66
HN2 NH2 A 25 6.91 -3.65 3.14
C ACE A 1 -4.76 5.73 -5.44
O ACE A 1 -5.07 5.61 -6.62
CH3 ACE A 1 -5.82 5.79 -4.35
H1 ACE A 1 -6.28 4.82 -4.23
H2 ACE A 1 -6.58 6.51 -4.61
H3 ACE A 1 -5.36 6.08 -3.41
N GLU A 2 -3.49 5.81 -5.03
CA GLU A 2 -2.39 5.75 -5.98
C GLU A 2 -1.08 5.40 -5.30
N ARG A 3 -0.85 5.98 -4.12
CA ARG A 3 0.36 5.72 -3.35
C ARG A 3 0.04 5.55 -1.86
N PHE A 4 0.65 4.57 -1.19
CA PHE A 4 0.37 4.38 0.24
C PHE A 4 1.58 3.76 0.98
N TYR A 5 2.44 4.62 1.54
CA TYR A 5 3.62 4.16 2.28
C TYR A 5 3.58 4.71 3.70
N GLU A 6 3.46 3.81 4.68
CA GLU A 6 3.39 4.20 6.06
C GLU A 6 3.46 2.96 6.95
N LYS A 7 3.70 3.14 8.26
CA LYS A 7 3.77 2.01 9.18
C LYS A 7 2.53 1.97 10.07
CAA 4G6 A 8 1.42 0.92 13.41
CAF 4G6 A 8 1.04 -0.09 12.33
CAB 4G6 A 8 -0.23 -0.82 12.77
NAD 4G6 A 8 2.14 -1.05 12.12
CAE 4G6 A 8 0.75 0.67 11.03
N 4G6 A 8 1.96 0.80 10.21
HAC 4G6 A 8 1.79 1.84 12.94
HAB 4G6 A 8 0.54 1.16 14.00
HAA 4G6 A 8 2.20 0.50 14.05
HAF 4G6 A 8 0.01 -1.53 13.55
HAD 4G6 A 8 -0.67 -1.35 11.92
HAE 4G6 A 8 -0.95 -0.10 13.16
HAL 4G6 A 8 3.04 -0.83 12.49
HAH 4G6 A 8 0.37 1.66 11.28
HAG 4G6 A 8 -0.01 0.13 10.47
H 4G6 A 8 2.36 0.00 9.77
N DPR A 9 3.75 -3.14 10.00
CA DPR A 9 3.23 -3.03 11.40
CB DPR A 9 2.97 -4.48 11.83
CG DPR A 9 2.73 -5.23 10.55
CD DPR A 9 3.51 -4.50 9.45
C DPR A 9 1.97 -2.18 11.49
O DPR A 9 0.89 -2.55 11.01
HA DPR A 9 3.99 -2.61 12.04
HB2 DPR A 9 3.83 -4.88 12.35
HB3 DPR A 9 2.09 -4.53 12.47
HG2 DPR A 9 3.08 -6.25 10.65
HG3 DPR A 9 1.68 -5.23 10.31
HD2 DPR A 9 4.45 -5.01 9.25
HD3 DPR A 9 2.92 -4.43 8.54
N VAL A 10 4.15 -1.50 6.98
CA VAL A 10 4.88 -2.33 7.94
C VAL A 10 4.34 -2.13 9.38
N GLN A 11 3.12 -1.43 3.70
CA GLN A 11 2.69 -1.11 5.07
C GLN A 11 3.36 -2.05 6.05
N LYS A 12 3.72 -0.09 0.37
CA LYS A 12 3.94 -1.03 1.47
C LYS A 12 3.48 -0.49 2.82
N PHE A 13 1.89 0.24 -2.84
CA PHE A 13 2.89 0.59 -1.80
C PHE A 13 2.97 -0.43 -0.68
N ILE A 14 -0.89 1.14 -4.83
CA ILE A 14 0.40 0.42 -4.71
C ILE A 14 1.41 1.07 -3.76
N ARG A 15 -4.44 0.90 -3.80
CA ARG A 15 -3.29 1.48 -4.49
C ARG A 15 -2.02 0.65 -4.28
N VAL A 16 -8.09 1.03 -3.88
CA VAL A 16 -6.81 0.61 -3.32
C VAL A 16 -5.68 1.24 -4.13
C7 4FU A 17 -9.20 2.44 -5.91
C8 4FU A 17 -10.18 2.89 -4.82
C9 4FU A 17 -9.63 4.11 -4.10
C11 4FU A 17 -10.63 4.58 -3.06
C12 4FU A 17 -10.89 3.48 -2.06
C13 4FU A 17 -11.42 2.24 -2.78
C14 4FU A 17 -10.41 1.78 -3.82
C 4FU A 17 -9.11 1.38 -3.12
O 4FU A 17 -9.04 1.38 -1.90
O1 4FU A 17 -8.13 3.02 -6.06
H8 4FU A 17 -11.13 3.16 -5.30
H9 4FU A 17 -8.69 3.85 -3.63
HAI 4FU A 17 -9.46 4.92 -4.83
H112 4FU A 17 -11.56 4.86 -3.54
H111 4FU A 17 -10.22 5.45 -2.55
HAG 4FU A 17 -9.97 3.22 -1.54
H12 4FU A 17 -11.62 3.81 -1.33
HAL 4FU A 17 -12.36 2.50 -3.28
HAK 4FU A 17 -11.60 1.45 -2.07
H14 4FU A 17 -10.81 0.90 -4.34
N GLY A 18 -9.55 1.42 -6.66
CA GLY A 18 -8.70 0.91 -7.74
C GLY A 18 -8.63 -0.62 -7.69
N VAL A 19 -7.69 -1.19 -8.44
CA VAL A 19 -7.50 -2.64 -8.48
C VAL A 19 -6.03 -3.00 -8.26
N THR A 20 -5.61 -3.00 -7.00
CA THR A 20 -4.23 -3.31 -6.65
C THR A 20 -4.08 -3.44 -5.13
N ILE A 21 -2.87 -3.71 -4.64
CA ILE A 21 -2.64 -3.90 -3.20
C ILE A 21 -1.46 -3.09 -2.64
N ARG A 22 -1.41 -3.04 -1.31
CA ARG A 22 -0.35 -2.34 -0.59
C ARG A 22 -0.10 -2.87 0.83
N GLU A 23 0.87 -3.80 0.93
CA GLU A 23 1.25 -4.42 2.21
C GLU A 23 2.77 -4.63 2.30
N LYS A 24 3.21 -5.29 3.38
CA LYS A 24 4.63 -5.56 3.59
C LYS A 24 5.39 -4.26 3.70
N NH2 A 25 4.77 -3.22 4.19
HN1 NH2 A 25 5.25 -2.37 4.31
HN2 NH2 A 25 3.84 -3.29 4.45
C ACE A 1 -4.27 8.29 -4.82
O ACE A 1 -4.23 9.38 -4.23
CH3 ACE A 1 -4.36 8.23 -6.34
H1 ACE A 1 -5.08 7.49 -6.64
H2 ACE A 1 -3.39 7.96 -6.75
H3 ACE A 1 -4.66 9.20 -6.72
N GLU A 2 -4.24 7.12 -4.18
CA GLU A 2 -4.17 7.05 -2.72
C GLU A 2 -3.21 5.93 -2.32
N ARG A 3 -2.36 6.22 -1.32
CA ARG A 3 -1.38 5.23 -0.83
C ARG A 3 -1.55 5.04 0.67
N PHE A 4 -1.05 3.91 1.21
CA PHE A 4 -1.16 3.66 2.66
C PHE A 4 0.23 3.52 3.29
N TYR A 5 0.59 4.54 4.04
CA TYR A 5 1.84 4.63 4.79
C TYR A 5 3.10 4.45 3.92
N GLU A 6 3.99 3.55 4.37
CA GLU A 6 5.27 3.33 3.69
C GLU A 6 5.76 1.89 3.88
N LYS A 7 6.82 1.53 3.14
CA LYS A 7 7.43 0.21 3.24
C LYS A 7 8.89 0.37 3.69
CAA 4G6 A 8 11.31 -2.78 5.06
CAF 4G6 A 8 11.13 -1.54 5.93
CAB 4G6 A 8 12.49 -1.21 6.58
NAD 4G6 A 8 10.14 -1.81 6.98
CAE 4G6 A 8 10.73 -0.37 5.03
N 4G6 A 8 9.35 -0.50 4.56
HAC 4G6 A 8 11.84 -3.55 5.62
HAB 4G6 A 8 10.33 -3.16 4.77
HAA 4G6 A 8 11.88 -2.53 4.16
HAF 4G6 A 8 12.32 -0.83 7.59
HAD 4G6 A 8 13.01 -0.46 5.98
HAE 4G6 A 8 13.09 -2.11 6.63
HAL 4G6 A 8 10.22 -2.67 7.48
HAH 4G6 A 8 11.40 -0.34 4.16
HAG 4G6 A 8 10.84 0.56 5.60
H 4G6 A 8 8.76 -1.22 4.92
N DPR A 9 6.95 -1.98 7.96
CA DPR A 9 8.26 -1.45 8.46
CB DPR A 9 7.84 -0.28 9.36
CG DPR A 9 6.45 -0.63 9.85
CD DPR A 9 5.84 -1.62 8.85
C DPR A 9 9.17 -0.99 7.33
O DPR A 9 8.99 0.12 6.81
HA DPR A 9 8.75 -2.20 9.05
HB2 DPR A 9 8.53 -0.19 10.20
HB3 DPR A 9 7.81 0.65 8.79
HG2 DPR A 9 6.52 -1.08 10.83
HG3 DPR A 9 5.85 0.27 9.91
HD2 DPR A 9 5.46 -2.49 9.36
HD3 DPR A 9 5.04 -1.15 8.28
N VAL A 10 4.61 -2.05 6.06
CA VAL A 10 5.45 -3.16 6.47
C VAL A 10 6.85 -2.67 6.86
N GLN A 11 2.15 -1.08 4.37
CA GLN A 11 2.50 -0.87 5.77
C GLN A 11 3.29 -2.08 6.25
N LYS A 12 0.88 0.01 1.49
CA LYS A 12 2.02 -0.71 2.01
C LYS A 12 2.50 -0.24 3.40
N PHE A 13 -1.16 0.21 -1.40
CA PHE A 13 -1.05 0.30 0.07
C PHE A 13 0.07 -0.55 0.58
N ILE A 14 -1.81 1.98 -4.32
CA ILE A 14 -1.04 0.89 -3.70
C ILE A 14 -0.80 1.18 -2.22
N ARG A 15 -3.54 2.81 -7.34
CA ARG A 15 -3.41 2.94 -5.88
C ARG A 15 -2.65 1.74 -5.33
N VAL A 16 -5.27 2.54 -10.01
CA VAL A 16 -4.20 3.45 -9.58
C VAL A 16 -4.22 3.69 -8.07
C7 4FU A 17 -4.88 -1.09 -11.11
C8 4FU A 17 -5.81 -0.39 -12.10
C9 4FU A 17 -5.07 -0.11 -13.39
C11 4FU A 17 -6.00 0.61 -14.37
C12 4FU A 17 -6.49 1.91 -13.75
C13 4FU A 17 -7.24 1.60 -12.47
C14 4FU A 17 -6.32 0.90 -11.47
C 4FU A 17 -5.17 1.83 -11.11
O 4FU A 17 -4.16 1.90 -11.83
O1 4FU A 17 -4.63 -0.57 -10.02
H8 4FU A 17 -6.66 -1.05 -12.31
H9 4FU A 17 -4.19 0.50 -13.21
HAI 4FU A 17 -4.76 -1.06 -13.85
H112 4FU A 17 -6.85 -0.03 -14.59
H111 4FU A 17 -5.45 0.83 -15.28
HAG 4FU A 17 -5.63 2.56 -13.52
H12 4FU A 17 -7.15 2.41 -14.45
HAL 4FU A 17 -8.09 0.96 -12.70
HAK 4FU A 17 -7.60 2.53 -12.02
H14 4FU A 17 -6.89 0.66 -10.57
N GLY A 18 -4.38 -2.25 -11.45
CA GLY A 18 -3.50 -2.98 -10.55
C GLY A 18 -4.22 -3.25 -9.23
N VAL A 19 -5.51 -2.91 -9.20
CA VAL A 19 -6.32 -3.11 -8.00
C VAL A 19 -5.58 -2.61 -6.77
N THR A 20 -6.19 -2.76 -5.59
CA THR A 20 -5.59 -2.27 -4.34
C THR A 20 -5.19 -3.43 -3.44
N ILE A 21 -3.92 -3.45 -3.03
CA ILE A 21 -3.39 -4.47 -2.15
C ILE A 21 -2.65 -3.80 -0.99
N ARG A 22 -2.65 -4.41 0.20
CA ARG A 22 -1.99 -3.82 1.36
C ARG A 22 -1.09 -4.81 2.11
N GLU A 23 0.06 -4.31 2.56
CA GLU A 23 1.02 -5.13 3.32
C GLU A 23 1.00 -4.80 4.81
N LYS A 24 1.45 -5.76 5.63
CA LYS A 24 1.46 -5.60 7.09
C LYS A 24 2.90 -5.42 7.59
N NH2 A 25 3.13 -4.56 8.54
HN1 NH2 A 25 4.04 -4.39 8.82
HN2 NH2 A 25 2.38 -4.08 8.95
#